data_7OKL
#
_entry.id   7OKL
#
_cell.length_a   68.284
_cell.length_b   68.284
_cell.length_c   168.170
_cell.angle_alpha   90.000
_cell.angle_beta   90.000
_cell.angle_gamma   120.000
#
_symmetry.space_group_name_H-M   'P 61 2 2'
#
loop_
_entity.id
_entity.type
_entity.pdbx_description
1 polymer 'B-cell lymphoma 6 protein'
2 polymer ALA-TRP-VAL-ILE-PRO-ALA
3 non-polymer 2-chloranyl-4-[[1-methyl-2-oxidanylidene-4-[[(1R)-1-pyrimidin-2-ylethyl]amino]quinolin-6-yl]amino]pyridine-3-carbonitrile
4 non-polymer 1,2-ETHANEDIOL
5 non-polymer 'CHLORIDE ION'
6 non-polymer 'DIMETHYL SULFOXIDE'
7 water water
#
loop_
_entity_poly.entity_id
_entity_poly.type
_entity_poly.pdbx_seq_one_letter_code
_entity_poly.pdbx_strand_id
1 'polypeptide(L)'
;GPGADSCIQFTRHASDVLLNLNRLRSRDILTDVVIVVSREQFRAHKTVLMACSGLFYSIFTDQLKCNLSVINLDPEINPE
GFCILLDFMYTSRLNLREGNIMAVMATAMYLQMEHVVDTCRKFIKASE
;
A
2 'polypeptide(L)' AWVIPA B
#
loop_
_chem_comp.id
_chem_comp.type
_chem_comp.name
_chem_comp.formula
CL non-polymer 'CHLORIDE ION' 'Cl -1'
DMS non-polymer 'DIMETHYL SULFOXIDE' 'C2 H6 O S'
EDO non-polymer 1,2-ETHANEDIOL 'C2 H6 O2'
VJ5 non-polymer 2-chloranyl-4-[[1-methyl-2-oxidanylidene-4-[[(1R)-1-pyrimidin-2-ylethyl]amino]quinolin-6-yl]amino]pyridine-3-carbonitrile 'C22 H18 Cl N7 O'
#
# COMPACT_ATOMS: atom_id res chain seq x y z
N ALA A 4 21.26 11.89 17.82
CA ALA A 4 21.46 13.21 18.41
C ALA A 4 20.21 14.09 18.34
N ASP A 5 20.09 15.02 19.29
CA ASP A 5 18.97 15.97 19.37
C ASP A 5 19.25 17.25 18.55
N SER A 6 20.47 17.35 17.99
CA SER A 6 20.93 18.50 17.20
C SER A 6 20.76 18.37 15.66
N CYS A 7 19.95 17.36 15.19
N CYS A 7 19.99 17.39 15.19
CA CYS A 7 19.70 17.08 13.76
CA CYS A 7 19.84 17.24 13.76
C CYS A 7 18.88 18.18 13.08
C CYS A 7 19.06 18.38 13.10
N ILE A 8 19.15 18.42 11.78
CA ILE A 8 18.32 19.27 10.90
C ILE A 8 17.47 18.23 10.09
N GLN A 9 16.35 18.65 9.52
N GLN A 9 16.27 18.64 9.63
CA GLN A 9 15.45 17.75 8.78
CA GLN A 9 15.32 17.78 8.92
C GLN A 9 15.10 18.32 7.41
C GLN A 9 14.92 18.30 7.53
N PHE A 10 15.12 17.45 6.37
N PHE A 10 14.89 17.39 6.54
CA PHE A 10 14.72 17.84 5.00
CA PHE A 10 14.49 17.70 5.17
C PHE A 10 13.25 17.44 4.86
C PHE A 10 13.03 17.30 4.97
N THR A 11 12.36 18.45 4.90
N THR A 11 12.15 18.31 4.99
CA THR A 11 10.90 18.27 4.92
CA THR A 11 10.68 18.22 4.93
C THR A 11 10.37 17.26 3.86
C THR A 11 10.13 17.38 3.78
N ARG A 12 10.75 17.45 2.60
CA ARG A 12 10.26 16.66 1.46
C ARG A 12 10.89 15.27 1.28
N HIS A 13 11.90 14.91 2.10
CA HIS A 13 12.63 13.65 1.90
C HIS A 13 11.75 12.39 1.79
N ALA A 14 10.85 12.16 2.77
CA ALA A 14 10.01 10.95 2.74
C ALA A 14 9.15 10.85 1.46
N SER A 15 8.54 11.98 1.05
N SER A 15 8.54 11.98 1.03
N SER A 15 8.55 11.99 1.03
CA SER A 15 7.74 12.04 -0.17
CA SER A 15 7.72 12.01 -0.19
CA SER A 15 7.74 12.03 -0.18
C SER A 15 8.59 11.74 -1.43
C SER A 15 8.56 11.79 -1.45
C SER A 15 8.57 11.77 -1.44
N ASP A 16 9.81 12.30 -1.48
CA ASP A 16 10.72 12.09 -2.62
C ASP A 16 11.19 10.62 -2.70
N VAL A 17 11.42 9.98 -1.53
CA VAL A 17 11.76 8.53 -1.50
C VAL A 17 10.58 7.70 -2.05
N LEU A 18 9.36 7.98 -1.59
CA LEU A 18 8.17 7.23 -2.02
C LEU A 18 7.94 7.36 -3.54
N LEU A 19 8.16 8.57 -4.10
N LEU A 19 8.16 8.58 -4.11
CA LEU A 19 8.03 8.75 -5.55
CA LEU A 19 8.03 8.81 -5.56
C LEU A 19 9.00 7.83 -6.31
C LEU A 19 9.00 7.89 -6.33
N ASN A 20 10.26 7.74 -5.83
CA ASN A 20 11.24 6.86 -6.47
C ASN A 20 10.89 5.38 -6.31
N LEU A 21 10.32 4.96 -5.15
CA LEU A 21 9.88 3.57 -5.00
C LEU A 21 8.77 3.23 -6.02
N ASN A 22 7.85 4.19 -6.27
CA ASN A 22 6.80 3.96 -7.28
C ASN A 22 7.39 3.91 -8.72
N ARG A 23 8.42 4.73 -9.01
CA ARG A 23 9.09 4.68 -10.32
C ARG A 23 9.77 3.32 -10.50
N LEU A 24 10.42 2.79 -9.42
CA LEU A 24 11.04 1.45 -9.52
C LEU A 24 9.96 0.38 -9.81
N ARG A 25 8.80 0.46 -9.12
CA ARG A 25 7.70 -0.47 -9.38
C ARG A 25 7.22 -0.39 -10.85
N SER A 26 7.00 0.83 -11.38
N SER A 26 7.01 0.84 -11.37
N SER A 26 7.02 0.85 -11.37
CA SER A 26 6.53 1.04 -12.76
CA SER A 26 6.56 1.07 -12.74
CA SER A 26 6.56 1.10 -12.76
C SER A 26 7.48 0.43 -13.81
C SER A 26 7.47 0.36 -13.76
C SER A 26 7.48 0.51 -13.83
N ARG A 27 8.79 0.42 -13.53
CA ARG A 27 9.82 -0.12 -14.42
C ARG A 27 10.21 -1.57 -14.08
N ASP A 28 9.54 -2.17 -13.07
CA ASP A 28 9.79 -3.55 -12.63
C ASP A 28 11.25 -3.76 -12.16
N ILE A 29 11.81 -2.76 -11.46
CA ILE A 29 13.19 -2.82 -10.97
C ILE A 29 13.20 -3.29 -9.51
N LEU A 30 13.89 -4.44 -9.30
N LEU A 30 13.93 -4.41 -9.25
CA LEU A 30 14.12 -5.12 -8.02
CA LEU A 30 14.12 -4.97 -7.91
C LEU A 30 12.83 -5.53 -7.28
C LEU A 30 12.82 -5.48 -7.25
N THR A 31 11.73 -5.67 -8.02
CA THR A 31 10.49 -6.24 -7.47
C THR A 31 10.82 -7.72 -7.10
N ASP A 32 10.28 -8.20 -5.96
CA ASP A 32 10.64 -9.52 -5.43
C ASP A 32 9.46 -10.39 -5.04
N VAL A 33 8.23 -9.99 -5.44
CA VAL A 33 7.05 -10.80 -5.16
C VAL A 33 5.96 -10.50 -6.17
N VAL A 34 5.14 -11.53 -6.47
N VAL A 34 5.09 -11.50 -6.44
CA VAL A 34 3.92 -11.40 -7.26
CA VAL A 34 3.91 -11.30 -7.27
C VAL A 34 2.74 -11.69 -6.30
C VAL A 34 2.66 -11.73 -6.46
N ILE A 35 1.75 -10.78 -6.26
CA ILE A 35 0.51 -10.97 -5.50
C ILE A 35 -0.56 -11.40 -6.51
N VAL A 36 -1.18 -12.57 -6.30
CA VAL A 36 -2.20 -13.10 -7.20
C VAL A 36 -3.59 -12.91 -6.57
N VAL A 37 -4.50 -12.26 -7.33
CA VAL A 37 -5.87 -11.95 -6.87
C VAL A 37 -6.79 -12.48 -7.97
N SER A 38 -7.22 -13.73 -7.82
N SER A 38 -7.15 -13.76 -7.83
CA SER A 38 -8.13 -14.37 -8.77
CA SER A 38 -7.96 -14.46 -8.80
C SER A 38 -7.67 -14.29 -10.20
C SER A 38 -7.21 -14.52 -10.15
N ARG A 39 -6.44 -14.74 -10.44
N ARG A 39 -7.78 -14.00 -11.21
CA ARG A 39 -5.83 -14.72 -11.79
CA ARG A 39 -7.08 -14.06 -12.52
C ARG A 39 -5.44 -13.33 -12.37
C ARG A 39 -5.97 -13.00 -12.71
N GLU A 40 -5.43 -12.32 -11.51
N GLU A 40 -5.83 -12.08 -11.76
CA GLU A 40 -4.88 -11.01 -11.84
CA GLU A 40 -4.87 -10.97 -11.88
C GLU A 40 -3.59 -11.00 -11.01
C GLU A 40 -3.59 -11.08 -11.05
N GLN A 41 -2.49 -10.58 -11.62
CA GLN A 41 -1.16 -10.60 -10.97
C GLN A 41 -0.61 -9.18 -10.80
N PHE A 42 0.01 -8.90 -9.65
CA PHE A 42 0.57 -7.58 -9.34
C PHE A 42 1.99 -7.74 -8.80
N ARG A 43 3.00 -7.13 -9.45
CA ARG A 43 4.39 -7.19 -8.98
C ARG A 43 4.67 -6.05 -7.99
N ALA A 44 5.43 -6.34 -6.92
CA ALA A 44 5.72 -5.34 -5.90
C ALA A 44 7.01 -5.64 -5.15
N HIS A 45 7.34 -4.76 -4.18
CA HIS A 45 8.48 -4.92 -3.28
C HIS A 45 7.94 -5.34 -1.89
N LYS A 46 8.42 -6.48 -1.35
CA LYS A 46 7.97 -6.95 -0.03
C LYS A 46 8.09 -5.87 1.07
N THR A 47 9.21 -5.11 1.09
CA THR A 47 9.39 -4.09 2.14
C THR A 47 8.31 -3.01 2.12
N VAL A 48 7.88 -2.56 0.92
CA VAL A 48 6.81 -1.54 0.83
C VAL A 48 5.46 -2.13 1.33
N LEU A 49 5.15 -3.37 0.88
CA LEU A 49 3.90 -4.04 1.32
C LEU A 49 3.85 -4.15 2.87
N MET A 50 4.96 -4.63 3.48
CA MET A 50 5.03 -4.76 4.95
C MET A 50 4.88 -3.41 5.66
N ALA A 51 5.48 -2.34 5.10
CA ALA A 51 5.44 -1.02 5.71
C ALA A 51 4.04 -0.42 5.73
N CYS A 52 3.13 -0.92 4.86
CA CYS A 52 1.79 -0.35 4.67
C CYS A 52 0.61 -1.19 5.21
N SER A 53 0.84 -2.49 5.51
CA SER A 53 -0.25 -3.44 5.76
C SER A 53 0.06 -4.40 6.90
N GLY A 54 -0.87 -4.54 7.85
CA GLY A 54 -0.69 -5.50 8.93
C GLY A 54 -0.65 -6.95 8.43
N LEU A 55 -1.43 -7.26 7.39
CA LEU A 55 -1.41 -8.62 6.83
C LEU A 55 -0.04 -8.95 6.18
N PHE A 56 0.49 -8.05 5.32
CA PHE A 56 1.78 -8.32 4.70
C PHE A 56 2.94 -8.28 5.70
N TYR A 57 2.83 -7.45 6.76
CA TYR A 57 3.87 -7.46 7.81
C TYR A 57 3.93 -8.86 8.47
N SER A 58 2.77 -9.44 8.79
N SER A 58 2.75 -9.45 8.77
CA SER A 58 2.73 -10.78 9.39
CA SER A 58 2.62 -10.80 9.36
C SER A 58 3.29 -11.83 8.40
C SER A 58 3.15 -11.89 8.43
N ILE A 59 2.86 -11.79 7.11
CA ILE A 59 3.30 -12.77 6.11
C ILE A 59 4.83 -12.78 5.92
N PHE A 60 5.42 -11.60 5.67
CA PHE A 60 6.82 -11.56 5.31
C PHE A 60 7.78 -11.58 6.52
N THR A 61 7.27 -11.61 7.78
CA THR A 61 8.11 -11.85 8.96
C THR A 61 8.03 -13.35 9.37
N ASP A 62 7.15 -14.15 8.71
CA ASP A 62 7.06 -15.60 8.98
C ASP A 62 8.32 -16.25 8.41
N GLN A 63 8.97 -17.15 9.17
N GLN A 63 8.93 -17.19 9.19
CA GLN A 63 10.23 -17.77 8.74
CA GLN A 63 10.17 -17.89 8.85
C GLN A 63 10.13 -18.60 7.45
C GLN A 63 10.14 -18.74 7.57
N LEU A 64 8.93 -19.12 7.09
CA LEU A 64 8.75 -19.85 5.82
C LEU A 64 8.23 -18.91 4.71
N LYS A 65 7.18 -18.10 4.99
CA LYS A 65 6.54 -17.26 3.96
C LYS A 65 7.43 -16.11 3.51
N CYS A 66 8.43 -15.69 4.31
CA CYS A 66 9.37 -14.62 3.91
C CYS A 66 10.11 -14.95 2.61
N ASN A 67 10.30 -16.25 2.31
CA ASN A 67 11.05 -16.71 1.14
C ASN A 67 10.21 -17.01 -0.10
N LEU A 68 8.88 -16.91 0.00
CA LEU A 68 8.02 -17.16 -1.16
C LEU A 68 8.09 -16.02 -2.19
N SER A 69 8.01 -16.36 -3.48
CA SER A 69 8.04 -15.39 -4.58
CA SER A 69 8.03 -15.34 -4.54
C SER A 69 6.62 -15.07 -5.10
N VAL A 70 5.62 -15.86 -4.66
CA VAL A 70 4.21 -15.72 -5.06
C VAL A 70 3.33 -15.83 -3.81
N ILE A 71 2.37 -14.90 -3.64
CA ILE A 71 1.40 -14.97 -2.55
C ILE A 71 -0.01 -14.93 -3.16
N ASN A 72 -0.87 -15.92 -2.84
CA ASN A 72 -2.25 -15.97 -3.35
C ASN A 72 -3.23 -15.42 -2.32
N LEU A 73 -3.99 -14.37 -2.67
CA LEU A 73 -4.98 -13.83 -1.75
C LEU A 73 -6.29 -14.63 -1.79
N ASP A 74 -7.13 -14.43 -0.76
CA ASP A 74 -8.44 -15.09 -0.66
C ASP A 74 -9.26 -14.83 -1.94
N PRO A 75 -9.97 -15.86 -2.50
CA PRO A 75 -10.75 -15.65 -3.74
C PRO A 75 -11.88 -14.62 -3.68
N GLU A 76 -12.31 -14.22 -2.47
N GLU A 76 -12.29 -14.22 -2.45
CA GLU A 76 -13.37 -13.21 -2.34
CA GLU A 76 -13.33 -13.21 -2.24
C GLU A 76 -12.82 -11.77 -2.52
C GLU A 76 -12.81 -11.78 -2.50
N ILE A 77 -11.48 -11.59 -2.57
CA ILE A 77 -10.90 -10.24 -2.76
C ILE A 77 -11.06 -9.77 -4.20
N ASN A 78 -11.55 -8.52 -4.36
CA ASN A 78 -11.77 -7.89 -5.65
C ASN A 78 -10.43 -7.38 -6.24
N PRO A 79 -10.05 -7.77 -7.49
CA PRO A 79 -8.78 -7.27 -8.06
C PRO A 79 -8.68 -5.75 -8.21
N GLU A 80 -9.77 -5.06 -8.62
CA GLU A 80 -9.74 -3.59 -8.73
C GLU A 80 -9.52 -2.93 -7.34
N GLY A 81 -10.19 -3.45 -6.31
CA GLY A 81 -10.01 -2.97 -4.93
C GLY A 81 -8.55 -3.10 -4.49
N PHE A 82 -7.93 -4.26 -4.80
CA PHE A 82 -6.52 -4.47 -4.46
C PHE A 82 -5.61 -3.49 -5.24
N CYS A 83 -5.87 -3.30 -6.55
CA CYS A 83 -5.08 -2.39 -7.39
C CYS A 83 -5.11 -0.95 -6.83
N ILE A 84 -6.31 -0.47 -6.42
CA ILE A 84 -6.47 0.89 -5.84
C ILE A 84 -5.63 1.01 -4.56
N LEU A 85 -5.65 -0.03 -3.71
CA LEU A 85 -4.88 0.01 -2.46
C LEU A 85 -3.37 -0.10 -2.69
N LEU A 86 -2.94 -0.90 -3.68
CA LEU A 86 -1.50 -0.99 -4.01
C LEU A 86 -0.99 0.39 -4.51
N ASP A 87 -1.78 1.07 -5.36
CA ASP A 87 -1.43 2.42 -5.82
C ASP A 87 -1.34 3.40 -4.63
N PHE A 88 -2.29 3.32 -3.68
CA PHE A 88 -2.24 4.15 -2.47
C PHE A 88 -0.94 3.87 -1.67
N MET A 89 -0.57 2.58 -1.48
CA MET A 89 0.66 2.27 -0.73
C MET A 89 1.89 3.02 -1.30
N TYR A 90 1.98 3.08 -2.63
CA TYR A 90 3.14 3.65 -3.34
C TYR A 90 3.03 5.16 -3.63
N THR A 91 1.89 5.81 -3.30
CA THR A 91 1.71 7.24 -3.64
C THR A 91 1.10 8.14 -2.58
N SER A 92 0.39 7.58 -1.55
N SER A 92 0.42 7.57 -1.55
CA SER A 92 -0.42 8.29 -0.53
CA SER A 92 -0.37 8.30 -0.52
C SER A 92 -1.80 8.73 -1.07
C SER A 92 -1.72 8.80 -1.06
N ARG A 93 -2.06 8.47 -2.31
N ARG A 93 -2.06 8.48 -2.38
CA ARG A 93 -3.31 8.91 -2.97
CA ARG A 93 -3.29 8.88 -3.09
C ARG A 93 -4.29 7.72 -3.14
C ARG A 93 -4.29 7.71 -3.19
N LEU A 94 -5.53 7.92 -2.69
CA LEU A 94 -6.57 6.89 -2.72
C LEU A 94 -7.71 7.28 -3.66
N ASN A 95 -7.94 6.49 -4.73
CA ASN A 95 -9.00 6.78 -5.71
C ASN A 95 -10.33 6.19 -5.23
N LEU A 96 -10.97 6.86 -4.28
CA LEU A 96 -12.23 6.42 -3.68
C LEU A 96 -13.43 7.01 -4.43
N ARG A 97 -14.31 6.13 -4.94
CA ARG A 97 -15.48 6.53 -5.74
C ARG A 97 -16.72 5.75 -5.30
N GLU A 98 -17.93 6.29 -5.58
N GLU A 98 -17.93 6.29 -5.59
CA GLU A 98 -19.18 5.62 -5.23
CA GLU A 98 -19.19 5.61 -5.23
C GLU A 98 -19.18 4.15 -5.71
C GLU A 98 -19.21 4.15 -5.72
N GLY A 99 -18.70 3.92 -6.94
CA GLY A 99 -18.68 2.60 -7.56
C GLY A 99 -17.66 1.61 -7.03
N ASN A 100 -16.66 2.07 -6.26
CA ASN A 100 -15.63 1.14 -5.75
C ASN A 100 -15.51 1.10 -4.21
N ILE A 101 -16.20 2.01 -3.47
CA ILE A 101 -15.95 2.12 -2.02
C ILE A 101 -16.21 0.82 -1.23
N MET A 102 -17.27 0.06 -1.56
CA MET A 102 -17.51 -1.17 -0.81
C MET A 102 -16.38 -2.18 -0.99
N ALA A 103 -15.87 -2.34 -2.25
CA ALA A 103 -14.76 -3.25 -2.52
C ALA A 103 -13.45 -2.73 -1.89
N VAL A 104 -13.19 -1.41 -1.93
CA VAL A 104 -11.97 -0.86 -1.30
C VAL A 104 -12.01 -1.09 0.23
N MET A 105 -13.17 -0.82 0.87
CA MET A 105 -13.28 -1.02 2.32
C MET A 105 -13.06 -2.50 2.71
N ALA A 106 -13.73 -3.45 2.02
CA ALA A 106 -13.55 -4.87 2.33
C ALA A 106 -12.07 -5.32 2.15
N THR A 107 -11.41 -4.80 1.10
CA THR A 107 -10.01 -5.15 0.84
C THR A 107 -9.09 -4.56 1.94
N ALA A 108 -9.36 -3.30 2.36
CA ALA A 108 -8.54 -2.66 3.40
C ALA A 108 -8.73 -3.37 4.77
N MET A 109 -9.93 -3.90 5.04
CA MET A 109 -10.15 -4.68 6.29
C MET A 109 -9.28 -5.97 6.25
N TYR A 110 -9.28 -6.67 5.11
CA TYR A 110 -8.48 -7.90 4.93
C TYR A 110 -6.96 -7.60 5.03
N LEU A 111 -6.52 -6.53 4.40
CA LEU A 111 -5.11 -6.13 4.42
C LEU A 111 -4.63 -5.48 5.72
N GLN A 112 -5.57 -5.17 6.62
CA GLN A 112 -5.27 -4.49 7.88
C GLN A 112 -4.63 -3.08 7.69
N MET A 113 -5.37 -2.21 6.99
CA MET A 113 -5.01 -0.82 6.73
C MET A 113 -6.12 0.02 7.40
N GLU A 114 -5.91 0.32 8.68
CA GLU A 114 -6.91 0.94 9.56
C GLU A 114 -7.42 2.33 9.16
N HIS A 115 -6.52 3.27 8.79
CA HIS A 115 -6.93 4.63 8.40
C HIS A 115 -7.75 4.62 7.12
N VAL A 116 -7.45 3.69 6.18
CA VAL A 116 -8.26 3.57 4.95
C VAL A 116 -9.68 3.08 5.34
N VAL A 117 -9.78 2.04 6.19
CA VAL A 117 -11.09 1.54 6.65
C VAL A 117 -11.91 2.71 7.27
N ASP A 118 -11.23 3.55 8.09
N ASP A 118 -11.27 3.48 8.18
CA ASP A 118 -11.83 4.70 8.77
CA ASP A 118 -11.92 4.60 8.88
C ASP A 118 -12.43 5.75 7.82
C ASP A 118 -12.52 5.65 7.91
N THR A 119 -11.68 6.17 6.77
N THR A 119 -11.73 6.05 6.90
CA THR A 119 -12.23 7.15 5.80
CA THR A 119 -12.13 7.03 5.90
C THR A 119 -13.35 6.52 4.98
C THR A 119 -13.28 6.50 5.03
N CYS A 120 -13.27 5.19 4.67
CA CYS A 120 -14.36 4.54 3.92
C CYS A 120 -15.66 4.59 4.74
N ARG A 121 -15.58 4.27 6.05
N ARG A 121 -15.58 4.27 6.05
CA ARG A 121 -16.71 4.28 6.98
CA ARG A 121 -16.74 4.28 6.95
C ARG A 121 -17.36 5.66 7.07
C ARG A 121 -17.36 5.67 7.02
N LYS A 122 -16.52 6.73 7.11
CA LYS A 122 -16.98 8.12 7.17
C LYS A 122 -17.71 8.55 5.88
N PHE A 123 -17.15 8.18 4.70
CA PHE A 123 -17.77 8.53 3.42
C PHE A 123 -19.10 7.79 3.23
N ILE A 124 -19.19 6.51 3.68
CA ILE A 124 -20.46 5.75 3.58
C ILE A 124 -21.53 6.37 4.49
N LYS A 125 -21.16 6.67 5.76
CA LYS A 125 -22.06 7.26 6.76
C LYS A 125 -22.66 8.60 6.27
N ALA A 126 -21.84 9.43 5.58
CA ALA A 126 -22.29 10.73 5.04
C ALA A 126 -23.39 10.60 3.96
N SER A 127 -23.42 9.46 3.23
N SER A 127 -23.43 9.46 3.23
CA SER A 127 -24.40 9.18 2.16
CA SER A 127 -24.42 9.23 2.18
C SER A 127 -25.68 8.46 2.65
C SER A 127 -25.74 8.63 2.71
N GLU A 128 -25.74 8.10 3.95
CA GLU A 128 -26.91 7.46 4.57
C GLU A 128 -28.02 8.45 4.94
CA ALA B 1 13.87 22.86 2.41
C ALA B 1 14.27 22.14 3.69
N TRP B 2 15.17 22.74 4.47
N TRP B 2 15.20 22.73 4.46
CA TRP B 2 15.70 22.21 5.72
CA TRP B 2 15.62 22.17 5.75
C TRP B 2 15.11 22.99 6.90
C TRP B 2 14.94 22.95 6.86
N VAL B 3 14.74 22.28 8.00
CA VAL B 3 14.13 22.89 9.21
C VAL B 3 14.74 22.31 10.50
N ILE B 4 14.41 22.96 11.64
CA ILE B 4 14.69 22.43 12.97
C ILE B 4 13.45 21.58 13.31
N PRO B 5 13.58 20.24 13.40
CA PRO B 5 12.39 19.40 13.64
C PRO B 5 11.81 19.49 15.04
N ALA B 6 10.48 19.38 15.15
C1 VJ5 C . 0.82 2.64 7.43
C2 VJ5 C . 0.27 0.52 8.55
C3 VJ5 C . -1.06 0.81 8.67
C4 VJ5 C . -1.96 0.03 9.50
C5 VJ5 C . -2.29 -1.92 10.93
C6 VJ5 C . -0.09 -1.53 9.89
C10 VJ5 C . 4.88 -2.55 10.62
C12 VJ5 C . 5.41 -2.25 12.93
C14 VJ5 C . 6.27 -2.73 10.39
C18 VJ5 C . 0.43 3.62 8.60
N4 VJ5 C . 7.19 -3.06 8.02
C15 VJ5 C . 6.77 -2.92 9.06
C13 VJ5 C . 7.11 -2.69 11.50
CL VJ5 C . 8.80 -3.01 11.28
N3 VJ5 C . 6.72 -2.45 12.74
C11 VJ5 C . 4.47 -2.29 11.92
N2 VJ5 C . 3.96 -2.64 9.57
C9 VJ5 C . 2.59 -2.26 9.65
C8 VJ5 C . 1.73 -3.03 10.42
C7 VJ5 C . 0.39 -2.65 10.54
C16 VJ5 C . 2.12 -1.13 8.99
C17 VJ5 C . 0.77 -0.76 9.09
N1 VJ5 C . -1.42 -1.12 10.08
O VJ5 C . -3.12 0.32 9.70
N VJ5 C . 1.17 1.31 7.95
C VJ5 C . 2.00 3.24 6.68
N6 VJ5 C . 1.06 3.41 9.76
C21 VJ5 C . 0.68 4.23 10.75
C20 VJ5 C . -0.26 5.21 10.60
C19 VJ5 C . -0.82 5.33 9.35
N5 VJ5 C . -0.49 4.54 8.32
C1 EDO D . -17.89 10.02 -9.25
O1 EDO D . -19.08 10.78 -8.99
C2 EDO D . -17.75 8.80 -8.34
O2 EDO D . -17.78 9.05 -6.92
C1 EDO E . -11.25 -12.83 5.04
O1 EDO E . -10.48 -12.33 6.12
C2 EDO E . -11.83 -11.71 4.19
O2 EDO E . -12.04 -12.23 2.87
C1 EDO F . -21.89 4.39 -1.13
C1 EDO F . -21.85 4.42 -0.95
O1 EDO F . -21.96 4.41 0.28
O1 EDO F . -23.04 5.18 -1.08
C2 EDO F . -22.02 2.93 -1.64
C2 EDO F . -22.10 2.97 -1.41
O2 EDO F . -21.87 2.91 -3.05
O2 EDO F . -23.06 2.36 -0.56
C1 EDO G . -8.50 -3.74 -12.10
O1 EDO G . -8.14 -2.37 -11.93
C2 EDO G . -7.37 -4.61 -11.61
O2 EDO G . -6.18 -4.17 -12.26
C1 EDO H . 1.94 -17.51 -11.28
O1 EDO H . 1.12 -18.04 -10.25
C2 EDO H . 2.54 -16.25 -10.72
O2 EDO H . 3.61 -15.88 -11.57
CL CL I . 7.73 9.81 -12.82
CL CL J . 7.12 -19.26 -4.33
CL CL K . -3.89 2.88 6.05
S DMS L . -1.27 2.09 13.06
O DMS L . -1.37 0.86 13.85
C1 DMS L . -2.91 2.40 12.49
C2 DMS L . -1.15 3.38 14.26
C1 EDO M . 17.84 25.45 9.98
O1 EDO M . 17.41 26.64 9.33
C2 EDO M . 17.70 24.28 9.03
O2 EDO M . 18.73 24.44 8.06
#